data_3ICA
#
_entry.id   3ICA
#
_cell.length_a   59.725
_cell.length_b   59.725
_cell.length_c   256.266
_cell.angle_alpha   90.00
_cell.angle_beta   90.00
_cell.angle_gamma   90.00
#
_symmetry.space_group_name_H-M   'P 43 21 2'
#
loop_
_entity.id
_entity.type
_entity.pdbx_description
1 polymer 'Phenylalanyl-tRNA synthetase beta chain'
2 non-polymer GLYCEROL
3 non-polymer TRIS(HYDROXYETHYL)AMINOMETHANE
4 water water
#
_entity_poly.entity_id   1
_entity_poly.type   'polypeptide(L)'
_entity_poly.pdbx_seq_one_letter_code
;SNADRRYKWQTVVSEQLVGAGFNEILNNSLTAGSYYEGLKSHPRE(MSE)AVEL(MSE)NPLSQELNC(MSE)RQTLLFG
GLETLSHNLRRKHLSLYLFEWGKCYRFHAAKRTDETPLAAYAEDDRLGIWICGQRVHNSWAHPEEPTSVFELKAVVEQVL
CRVGIETGAYTLKTADNDLYASA(MSE)EVKTRSGKLLGTFGTVSTELIKRFEIEQPVYFAELLWDAL(MSE)
;
_entity_poly.pdbx_strand_id   A,B
#
# COMPACT_ATOMS: atom_id res chain seq x y z
N ASN A 2 -0.35 -17.59 -7.49
CA ASN A 2 0.91 -17.20 -6.79
C ASN A 2 0.66 -16.37 -5.53
N ALA A 3 -0.09 -15.28 -5.69
CA ALA A 3 -0.40 -14.38 -4.58
C ALA A 3 -0.95 -15.15 -3.40
N ASP A 4 -1.82 -16.14 -3.67
CA ASP A 4 -2.38 -17.00 -2.65
C ASP A 4 -1.31 -17.88 -1.99
N ARG A 5 -0.38 -18.37 -2.81
N ARG A 5 -0.35 -18.35 -2.79
CA ARG A 5 0.76 -19.17 -2.34
CA ARG A 5 0.73 -19.19 -2.27
C ARG A 5 1.73 -18.32 -1.52
C ARG A 5 1.85 -18.38 -1.58
N ARG A 6 2.11 -17.16 -2.07
CA ARG A 6 2.94 -16.20 -1.34
C ARG A 6 2.26 -15.87 -0.01
N TYR A 7 0.95 -15.64 -0.08
CA TYR A 7 0.14 -15.34 1.08
C TYR A 7 0.17 -16.44 2.14
N LYS A 8 0.17 -17.68 1.68
CA LYS A 8 0.19 -18.80 2.60
C LYS A 8 1.48 -18.92 3.42
N TRP A 9 2.62 -18.67 2.77
CA TRP A 9 3.91 -18.62 3.48
C TRP A 9 4.02 -17.43 4.36
N GLN A 10 3.56 -16.29 3.88
CA GLN A 10 3.58 -15.07 4.68
C GLN A 10 2.91 -15.28 6.02
N THR A 11 1.75 -15.92 6.01
CA THR A 11 0.98 -16.11 7.25
C THR A 11 1.69 -17.07 8.22
N VAL A 12 2.27 -18.14 7.66
CA VAL A 12 3.17 -19.02 8.42
C VAL A 12 4.22 -18.19 9.22
N VAL A 13 4.95 -17.29 8.55
CA VAL A 13 5.96 -16.46 9.19
C VAL A 13 5.33 -15.47 10.19
N SER A 14 4.19 -14.92 9.79
CA SER A 14 3.42 -14.01 10.63
C SER A 14 2.96 -14.69 11.89
N GLU A 15 2.66 -15.98 11.80
CA GLU A 15 2.21 -16.71 13.00
C GLU A 15 3.34 -16.82 14.02
N GLN A 16 4.50 -17.15 13.49
CA GLN A 16 5.70 -17.20 14.30
C GLN A 16 6.03 -15.84 14.94
N LEU A 17 5.96 -14.76 14.16
CA LEU A 17 6.16 -13.43 14.72
C LEU A 17 5.14 -13.09 15.80
N VAL A 18 3.86 -13.33 15.51
CA VAL A 18 2.82 -13.06 16.48
C VAL A 18 3.08 -13.94 17.72
N GLY A 19 3.54 -15.16 17.46
CA GLY A 19 3.84 -16.09 18.54
C GLY A 19 4.94 -15.58 19.45
N ALA A 20 5.85 -14.78 18.92
CA ALA A 20 6.92 -14.24 19.74
C ALA A 20 6.59 -12.82 20.20
N GLY A 21 5.30 -12.50 20.28
CA GLY A 21 4.84 -11.16 20.73
C GLY A 21 4.70 -10.01 19.75
N PHE A 22 4.86 -10.23 18.43
CA PHE A 22 4.79 -9.10 17.47
C PHE A 22 3.34 -8.76 17.10
N ASN A 23 3.09 -7.44 16.94
CA ASN A 23 1.93 -6.88 16.23
C ASN A 23 2.21 -6.62 14.74
N GLU A 24 1.24 -6.95 13.89
CA GLU A 24 1.34 -6.63 12.48
C GLU A 24 0.89 -5.19 12.27
N ILE A 25 1.64 -4.44 11.48
CA ILE A 25 1.25 -3.11 11.11
C ILE A 25 1.15 -2.99 9.55
N LEU A 26 0.56 -1.89 9.08
CA LEU A 26 0.38 -1.59 7.65
C LEU A 26 0.33 -0.08 7.45
N ASN A 27 1.29 0.42 6.68
CA ASN A 27 1.46 1.82 6.39
C ASN A 27 1.26 2.14 4.94
N ASN A 28 0.88 3.39 4.69
CA ASN A 28 0.71 3.91 3.35
C ASN A 28 2.01 3.71 2.55
N SER A 29 1.91 3.37 1.27
CA SER A 29 3.13 3.37 0.48
C SER A 29 3.54 4.81 0.05
N LEU A 30 2.67 5.78 0.38
CA LEU A 30 2.95 7.18 0.17
C LEU A 30 3.73 7.69 1.35
N THR A 31 4.78 8.46 1.03
CA THR A 31 5.75 8.87 2.01
C THR A 31 6.27 10.27 1.67
N ALA A 32 7.09 10.82 2.57
CA ALA A 32 7.66 12.14 2.38
C ALA A 32 9.02 12.01 1.75
N GLY A 33 9.25 12.78 0.70
CA GLY A 33 10.54 12.81 0.02
C GLY A 33 11.67 13.28 0.96
N SER A 34 11.38 14.25 1.81
CA SER A 34 12.39 14.76 2.70
C SER A 34 13.08 13.66 3.53
N TYR A 35 12.36 12.59 3.83
CA TYR A 35 12.94 11.44 4.55
C TYR A 35 14.18 10.90 3.81
N TYR A 36 14.19 11.03 2.49
CA TYR A 36 15.19 10.41 1.63
C TYR A 36 16.35 11.35 1.24
N GLU A 37 16.25 12.65 1.57
CA GLU A 37 17.32 13.62 1.18
C GLU A 37 18.62 13.25 1.83
N GLY A 38 19.67 13.23 1.03
CA GLY A 38 21.01 12.88 1.53
C GLY A 38 21.35 11.41 1.50
N LEU A 39 20.37 10.52 1.43
CA LEU A 39 20.69 9.10 1.56
C LEU A 39 21.38 8.55 0.33
N LYS A 40 22.37 7.71 0.55
CA LYS A 40 22.98 6.94 -0.53
C LYS A 40 22.22 5.64 -0.75
N SER A 41 21.81 5.01 0.35
CA SER A 41 21.15 3.70 0.30
C SER A 41 19.87 3.77 -0.49
N HIS A 42 19.12 4.85 -0.32
CA HIS A 42 17.89 5.02 -1.09
C HIS A 42 17.82 6.46 -1.52
N PRO A 43 18.51 6.79 -2.62
CA PRO A 43 18.64 8.20 -2.99
C PRO A 43 17.27 8.82 -3.35
N ARG A 44 17.07 10.08 -2.93
CA ARG A 44 15.89 10.88 -3.26
C ARG A 44 15.49 10.87 -4.75
N GLU A 45 16.49 10.87 -5.62
N GLU A 45 16.47 10.89 -5.64
CA GLU A 45 16.27 10.98 -7.04
CA GLU A 45 16.18 10.99 -7.07
C GLU A 45 15.76 9.67 -7.66
C GLU A 45 15.91 9.62 -7.73
N ALA A 47 13.32 7.99 -6.24
CA ALA A 47 11.93 7.86 -5.80
C ALA A 47 10.93 7.90 -6.97
N VAL A 48 9.94 7.01 -6.93
CA VAL A 48 8.81 7.09 -7.82
C VAL A 48 7.86 8.12 -7.19
N GLU A 49 7.54 9.16 -7.97
CA GLU A 49 6.77 10.32 -7.49
C GLU A 49 5.33 10.32 -8.01
N LEU A 50 4.42 10.90 -7.23
CA LEU A 50 3.05 11.12 -7.69
C LEU A 50 3.03 12.24 -8.73
N ASN A 52 1.21 15.49 -10.07
CA ASN A 52 0.32 16.58 -9.60
C ASN A 52 -0.34 16.21 -8.26
N PRO A 53 0.47 15.90 -7.23
CA PRO A 53 -0.14 15.52 -5.92
C PRO A 53 -0.79 16.71 -5.26
N LEU A 54 -1.63 16.46 -4.26
CA LEU A 54 -2.21 17.53 -3.48
C LEU A 54 -1.21 18.11 -2.52
N SER A 55 -0.14 17.39 -2.24
CA SER A 55 0.87 17.85 -1.31
C SER A 55 2.26 17.77 -1.94
N GLN A 56 3.02 18.86 -1.84
CA GLN A 56 4.37 18.86 -2.36
C GLN A 56 5.34 18.10 -1.43
N GLU A 57 4.92 17.86 -0.19
CA GLU A 57 5.69 17.07 0.78
C GLU A 57 5.44 15.55 0.75
N LEU A 58 4.17 15.13 0.89
CA LEU A 58 3.77 13.73 0.71
C LEU A 58 3.53 13.40 -0.78
N ASN A 59 4.60 13.04 -1.49
CA ASN A 59 4.52 12.89 -2.94
C ASN A 59 5.42 11.77 -3.51
N CYS A 60 5.95 10.95 -2.63
CA CYS A 60 6.87 9.89 -2.99
C CYS A 60 6.30 8.55 -2.59
N ARG A 62 7.48 4.95 -1.09
CA ARG A 62 8.54 4.47 -0.22
C ARG A 62 9.51 3.60 -1.00
N GLN A 63 10.77 3.65 -0.60
CA GLN A 63 11.80 2.79 -1.18
C GLN A 63 12.24 1.72 -0.16
N THR A 64 11.91 1.99 1.11
CA THR A 64 12.16 1.07 2.22
C THR A 64 10.94 1.11 3.15
N LEU A 65 10.75 0.07 3.93
CA LEU A 65 9.62 0.04 4.85
C LEU A 65 9.97 0.81 6.12
N LEU A 66 11.23 1.17 6.31
CA LEU A 66 11.73 1.74 7.56
C LEU A 66 10.87 2.87 8.11
N PHE A 67 10.69 3.92 7.32
CA PHE A 67 10.13 5.20 7.82
C PHE A 67 8.69 5.14 8.30
N GLY A 68 7.89 4.30 7.66
CA GLY A 68 6.51 4.05 8.12
C GLY A 68 6.50 3.42 9.50
N GLY A 69 7.39 2.47 9.74
CA GLY A 69 7.61 1.94 11.09
C GLY A 69 8.06 3.00 12.09
N LEU A 70 9.00 3.85 11.68
CA LEU A 70 9.48 4.91 12.60
C LEU A 70 8.33 5.84 13.01
N GLU A 71 7.54 6.26 12.02
CA GLU A 71 6.24 6.94 12.24
C GLU A 71 5.36 6.18 13.24
N THR A 72 5.09 4.90 12.98
CA THR A 72 4.26 4.06 13.85
C THR A 72 4.83 3.99 15.29
N LEU A 73 6.15 3.80 15.40
CA LEU A 73 6.80 3.70 16.70
C LEU A 73 6.64 4.99 17.47
N SER A 74 6.98 6.09 16.81
CA SER A 74 6.87 7.39 17.41
C SER A 74 5.46 7.68 17.84
N HIS A 75 4.47 7.19 17.11
CA HIS A 75 3.09 7.45 17.46
C HIS A 75 2.72 6.69 18.74
N ASN A 76 3.13 5.43 18.85
CA ASN A 76 2.76 4.58 19.97
C ASN A 76 3.61 4.72 21.24
N LEU A 77 4.89 5.06 21.09
CA LEU A 77 5.73 5.38 22.23
C LEU A 77 5.22 6.60 22.99
N ARG A 78 5.07 7.73 22.30
CA ARG A 78 4.51 8.96 22.89
C ARG A 78 3.09 8.77 23.45
N ARG A 79 2.56 7.54 23.32
CA ARG A 79 1.33 7.13 24.01
C ARG A 79 1.59 6.02 25.05
N LYS A 80 2.71 6.17 25.76
CA LYS A 80 3.18 5.22 26.79
C LYS A 80 3.04 3.72 26.44
N HIS A 81 3.71 3.33 25.37
CA HIS A 81 4.13 1.94 25.15
C HIS A 81 5.58 1.88 25.60
N LEU A 82 5.92 0.83 26.32
CA LEU A 82 7.29 0.63 26.70
C LEU A 82 7.98 -0.33 25.73
N SER A 83 7.22 -1.28 25.21
CA SER A 83 7.78 -2.33 24.40
C SER A 83 7.03 -2.38 23.06
N LEU A 84 7.76 -2.26 21.95
CA LEU A 84 7.14 -2.41 20.62
C LEU A 84 7.87 -3.35 19.72
N TYR A 85 7.16 -4.40 19.31
CA TYR A 85 7.66 -5.44 18.40
C TYR A 85 6.74 -5.49 17.19
N LEU A 86 7.22 -4.96 16.08
CA LEU A 86 6.36 -4.76 14.89
C LEU A 86 6.90 -5.42 13.64
N PHE A 87 5.98 -5.91 12.82
CA PHE A 87 6.32 -6.37 11.49
C PHE A 87 5.28 -5.87 10.47
N GLU A 88 5.71 -5.76 9.22
CA GLU A 88 4.86 -5.30 8.13
C GLU A 88 5.27 -6.00 6.84
N TRP A 89 4.26 -6.49 6.11
CA TRP A 89 4.43 -6.95 4.72
C TRP A 89 4.06 -5.82 3.77
N GLY A 90 4.91 -5.57 2.77
CA GLY A 90 4.52 -4.56 1.80
C GLY A 90 5.49 -4.39 0.68
N LYS A 91 5.01 -3.83 -0.45
CA LYS A 91 5.86 -3.56 -1.59
C LYS A 91 6.63 -2.28 -1.38
N CYS A 92 7.82 -2.25 -1.96
CA CYS A 92 8.60 -1.05 -2.09
C CYS A 92 8.87 -0.75 -3.56
N TYR A 93 9.22 0.51 -3.85
CA TYR A 93 9.23 1.04 -5.23
C TYR A 93 10.44 1.87 -5.53
N ARG A 94 10.91 1.83 -6.77
CA ARG A 94 11.99 2.71 -7.19
C ARG A 94 12.18 2.68 -8.72
N PHE A 95 12.93 3.67 -9.19
CA PHE A 95 13.53 3.63 -10.49
C PHE A 95 14.98 3.17 -10.39
N HIS A 96 15.43 2.46 -11.40
CA HIS A 96 16.86 2.19 -11.56
C HIS A 96 17.24 2.30 -13.05
N ALA A 97 18.54 2.44 -13.31
CA ALA A 97 19.08 2.34 -14.68
C ALA A 97 18.56 1.10 -15.48
N ALA A 98 18.01 1.34 -16.68
CA ALA A 98 17.55 0.25 -17.58
C ALA A 98 18.70 -0.50 -18.32
N LYS A 99 18.36 -1.60 -19.00
CA LYS A 99 19.30 -2.40 -19.83
C LYS A 99 19.71 -1.67 -21.13
N ARG A 100 21.00 -1.34 -21.26
CA ARG A 100 21.53 -0.52 -22.38
C ARG A 100 20.98 -0.87 -23.78
N GLU A 103 17.29 -0.82 -25.34
CA GLU A 103 16.97 0.39 -26.11
C GLU A 103 15.70 1.12 -25.63
N THR A 104 15.83 1.76 -24.46
CA THR A 104 14.84 2.72 -23.93
C THR A 104 15.60 3.82 -23.19
N PRO A 105 15.26 5.09 -23.45
CA PRO A 105 15.96 6.16 -22.73
C PRO A 105 15.50 6.24 -21.26
N LEU A 106 14.28 5.78 -21.01
CA LEU A 106 13.65 5.82 -19.70
C LEU A 106 14.24 4.85 -18.66
N ALA A 107 14.30 5.34 -17.41
CA ALA A 107 14.58 4.51 -16.25
C ALA A 107 13.51 3.42 -16.09
N ALA A 108 13.91 2.24 -15.61
CA ALA A 108 12.94 1.19 -15.31
C ALA A 108 12.32 1.36 -13.90
N TYR A 109 10.99 1.26 -13.86
CA TYR A 109 10.27 1.09 -12.61
C TYR A 109 10.47 -0.33 -12.09
N ALA A 110 10.72 -0.46 -10.80
CA ALA A 110 10.80 -1.77 -10.16
C ALA A 110 10.01 -1.76 -8.85
N GLU A 111 9.38 -2.89 -8.54
CA GLU A 111 8.72 -3.08 -7.23
C GLU A 111 9.05 -4.44 -6.66
N ASP A 112 9.15 -4.54 -5.34
CA ASP A 112 9.49 -5.81 -4.73
C ASP A 112 8.86 -5.97 -3.36
N ASP A 113 8.38 -7.18 -3.09
CA ASP A 113 7.80 -7.54 -1.79
C ASP A 113 8.86 -7.70 -0.71
N ARG A 114 8.58 -7.07 0.43
CA ARG A 114 9.47 -7.00 1.56
C ARG A 114 8.79 -7.30 2.90
N LEU A 115 9.59 -7.74 3.87
CA LEU A 115 9.17 -7.90 5.28
C LEU A 115 10.01 -6.95 6.14
N GLY A 116 9.36 -6.04 6.87
CA GLY A 116 10.05 -5.11 7.77
C GLY A 116 9.80 -5.54 9.22
N ILE A 117 10.84 -5.47 10.06
CA ILE A 117 10.74 -5.87 11.46
C ILE A 117 11.37 -4.79 12.35
N TRP A 118 10.65 -4.34 13.35
CA TRP A 118 11.15 -3.32 14.23
C TRP A 118 11.03 -3.82 15.67
N ILE A 119 12.11 -3.65 16.44
CA ILE A 119 12.08 -3.85 17.90
C ILE A 119 12.55 -2.57 18.62
N CYS A 120 11.84 -2.22 19.69
CA CYS A 120 12.06 -0.97 20.40
C CYS A 120 11.62 -1.08 21.84
N GLY A 121 12.45 -0.57 22.75
CA GLY A 121 12.09 -0.45 24.16
C GLY A 121 12.55 -1.51 25.13
N GLN A 122 11.64 -1.94 25.98
CA GLN A 122 11.92 -2.93 27.00
C GLN A 122 11.71 -4.31 26.41
N ARG A 123 12.69 -5.17 26.58
CA ARG A 123 12.58 -6.57 26.19
C ARG A 123 11.32 -7.19 26.77
N VAL A 124 10.63 -7.99 25.95
CA VAL A 124 9.42 -8.70 26.37
C VAL A 124 9.77 -9.83 27.37
N HIS A 125 8.95 -9.97 28.42
CA HIS A 125 9.14 -10.99 29.47
C HIS A 125 9.01 -12.42 28.92
N PRO A 131 12.48 -8.99 35.13
CA PRO A 131 13.50 -7.93 35.28
C PRO A 131 13.49 -6.90 34.12
N GLU A 132 13.81 -5.63 34.43
CA GLU A 132 13.63 -4.47 33.52
C GLU A 132 14.78 -4.23 32.52
N GLU A 133 14.83 -5.06 31.48
CA GLU A 133 15.99 -5.09 30.62
C GLU A 133 15.68 -4.58 29.19
N PRO A 134 16.55 -3.70 28.67
CA PRO A 134 16.38 -3.18 27.30
C PRO A 134 16.43 -4.26 26.23
N THR A 135 15.73 -4.04 25.14
N THR A 135 15.71 -4.00 25.14
CA THR A 135 15.84 -4.93 23.99
CA THR A 135 15.80 -4.77 23.89
C THR A 135 17.16 -4.63 23.29
C THR A 135 17.22 -4.64 23.32
N SER A 136 17.59 -5.54 22.41
CA SER A 136 18.91 -5.41 21.75
C SER A 136 18.90 -5.99 20.34
N VAL A 137 19.86 -5.55 19.52
CA VAL A 137 19.98 -6.04 18.16
C VAL A 137 20.07 -7.57 18.06
N PHE A 138 20.57 -8.22 19.12
CA PHE A 138 20.64 -9.69 19.15
C PHE A 138 19.26 -10.37 19.13
N GLU A 139 18.28 -9.74 19.78
CA GLU A 139 16.89 -10.21 19.68
C GLU A 139 16.44 -10.20 18.25
N LEU A 140 16.81 -9.16 17.52
CA LEU A 140 16.39 -9.03 16.13
C LEU A 140 17.11 -10.03 15.24
N LYS A 141 18.38 -10.28 15.53
CA LYS A 141 19.12 -11.27 14.77
C LYS A 141 18.47 -12.65 14.92
N ALA A 142 18.05 -12.99 16.14
CA ALA A 142 17.41 -14.29 16.40
C ALA A 142 16.11 -14.39 15.62
N VAL A 143 15.29 -13.34 15.69
CA VAL A 143 14.05 -13.27 14.92
C VAL A 143 14.27 -13.48 13.42
N VAL A 144 15.21 -12.73 12.87
CA VAL A 144 15.57 -12.86 11.48
C VAL A 144 15.93 -14.31 11.13
N GLU A 145 16.72 -14.96 12.00
CA GLU A 145 17.15 -16.33 11.69
C GLU A 145 15.95 -17.27 11.74
N GLN A 146 15.10 -17.10 12.75
N GLN A 146 15.13 -17.15 12.78
CA GLN A 146 13.84 -17.85 12.88
CA GLN A 146 13.88 -17.88 12.83
C GLN A 146 12.84 -17.65 11.73
C GLN A 146 13.10 -17.74 11.50
N VAL A 147 12.88 -16.49 11.07
CA VAL A 147 12.06 -16.25 9.87
C VAL A 147 12.64 -17.02 8.67
N LEU A 148 13.95 -16.88 8.49
CA LEU A 148 14.68 -17.60 7.44
C LEU A 148 14.53 -19.12 7.58
N CYS A 149 14.62 -19.62 8.78
CA CYS A 149 14.52 -21.04 9.03
C CYS A 149 13.11 -21.52 8.69
N ARG A 150 12.09 -20.75 9.07
CA ARG A 150 10.70 -21.10 8.71
C ARG A 150 10.43 -21.26 7.19
N VAL A 151 11.11 -20.49 6.36
CA VAL A 151 11.02 -20.67 4.91
C VAL A 151 12.11 -21.61 4.38
N GLY A 152 12.75 -22.36 5.27
CA GLY A 152 13.63 -23.43 4.86
C GLY A 152 15.02 -22.95 4.49
N ILE A 153 15.50 -21.95 5.24
CA ILE A 153 16.87 -21.47 5.05
C ILE A 153 17.70 -21.64 6.33
N GLU A 154 18.50 -22.72 6.36
CA GLU A 154 19.39 -23.10 7.44
C GLU A 154 20.51 -22.08 7.62
N THR A 155 20.97 -21.92 8.87
CA THR A 155 22.06 -20.98 9.18
C THR A 155 23.33 -21.18 8.33
N GLY A 156 23.61 -22.42 7.92
CA GLY A 156 24.75 -22.70 7.06
C GLY A 156 24.62 -22.15 5.64
N ALA A 157 23.38 -21.81 5.24
CA ALA A 157 23.09 -21.34 3.87
C ALA A 157 23.54 -19.91 3.59
N TYR A 158 23.79 -19.14 4.66
CA TYR A 158 24.17 -17.75 4.49
C TYR A 158 25.23 -17.30 5.49
N THR A 159 25.85 -16.19 5.16
CA THR A 159 26.71 -15.47 6.07
C THR A 159 26.18 -14.04 6.37
N LEU A 160 26.69 -13.42 7.43
CA LEU A 160 26.42 -12.02 7.76
C LEU A 160 27.65 -11.20 7.42
N LYS A 161 27.49 -10.14 6.63
CA LYS A 161 28.61 -9.26 6.34
C LYS A 161 28.30 -7.82 6.78
N THR A 162 29.32 -7.09 7.24
CA THR A 162 29.10 -5.75 7.69
C THR A 162 28.57 -4.91 6.52
N ALA A 163 27.58 -4.07 6.80
CA ALA A 163 26.90 -3.34 5.75
C ALA A 163 27.32 -1.89 5.73
N ASP A 164 27.24 -1.30 4.56
CA ASP A 164 27.38 0.13 4.43
C ASP A 164 26.05 0.66 3.92
N ASN A 165 25.17 0.98 4.85
CA ASN A 165 23.80 1.33 4.54
C ASN A 165 23.39 2.44 5.45
N ASP A 166 23.29 3.65 4.90
CA ASP A 166 23.14 4.85 5.71
C ASP A 166 21.78 4.99 6.43
N LEU A 167 20.85 4.07 6.20
CA LEU A 167 19.68 3.92 7.08
C LEU A 167 20.07 3.56 8.52
N TYR A 168 21.24 2.91 8.66
CA TYR A 168 21.71 2.35 9.93
C TYR A 168 22.96 3.02 10.54
N ALA A 169 22.98 3.12 11.86
CA ALA A 169 24.20 3.45 12.57
C ALA A 169 25.17 2.32 12.30
N SER A 170 24.71 1.09 12.41
CA SER A 170 25.48 -0.07 12.00
C SER A 170 24.51 -1.17 11.57
N ALA A 171 24.94 -2.01 10.62
CA ALA A 171 24.08 -3.09 10.17
C ALA A 171 24.82 -4.27 9.50
N GLU A 173 24.38 -7.28 6.50
CA GLU A 173 23.70 -7.90 5.38
C GLU A 173 23.72 -9.42 5.52
N VAL A 174 22.59 -10.04 5.18
CA VAL A 174 22.48 -11.50 5.12
C VAL A 174 22.60 -11.88 3.65
N LYS A 175 23.57 -12.73 3.34
CA LYS A 175 23.88 -13.08 1.97
C LYS A 175 24.17 -14.56 1.85
N THR A 176 23.72 -15.14 0.74
CA THR A 176 23.96 -16.54 0.45
C THR A 176 25.40 -16.81 0.03
N ARG A 177 25.81 -18.07 0.07
CA ARG A 177 27.14 -18.49 -0.41
C ARG A 177 27.42 -17.88 -1.78
N SER A 178 26.42 -17.88 -2.66
CA SER A 178 26.53 -17.30 -4.00
C SER A 178 26.60 -15.76 -4.07
N GLY A 179 26.25 -15.05 -3.00
CA GLY A 179 26.23 -13.57 -3.03
C GLY A 179 24.86 -12.89 -3.11
N LYS A 180 23.79 -13.69 -3.15
CA LYS A 180 22.42 -13.15 -3.13
C LYS A 180 22.08 -12.47 -1.78
N LEU A 181 21.64 -11.20 -1.84
CA LEU A 181 21.18 -10.50 -0.64
C LEU A 181 19.79 -11.00 -0.23
N LEU A 182 19.68 -11.54 0.99
CA LEU A 182 18.38 -11.89 1.57
C LEU A 182 17.77 -10.79 2.45
N GLY A 183 18.59 -9.91 3.00
CA GLY A 183 18.04 -8.88 3.84
C GLY A 183 19.11 -8.21 4.63
N THR A 184 18.69 -7.25 5.45
CA THR A 184 19.53 -6.35 6.21
C THR A 184 18.89 -6.16 7.58
N PHE A 185 19.70 -6.15 8.64
CA PHE A 185 19.18 -5.80 9.95
C PHE A 185 20.25 -5.01 10.72
N GLY A 186 19.83 -4.19 11.67
CA GLY A 186 20.78 -3.41 12.45
C GLY A 186 20.11 -2.37 13.33
N THR A 187 20.90 -1.38 13.73
CA THR A 187 20.47 -0.29 14.62
C THR A 187 20.34 0.96 13.77
N VAL A 188 19.14 1.54 13.77
CA VAL A 188 18.83 2.68 12.92
C VAL A 188 19.73 3.87 13.24
N SER A 189 20.12 4.61 12.19
N SER A 189 20.15 4.60 12.20
CA SER A 189 20.84 5.89 12.32
CA SER A 189 21.04 5.77 12.36
C SER A 189 20.38 6.72 13.50
C SER A 189 20.47 6.82 13.32
N THR A 190 21.34 7.33 14.19
CA THR A 190 21.02 8.28 15.25
C THR A 190 20.23 9.44 14.71
N GLU A 191 20.64 9.98 13.58
N GLU A 191 20.70 10.01 13.61
CA GLU A 191 19.95 11.13 12.99
CA GLU A 191 20.00 11.06 12.88
C GLU A 191 18.51 10.81 12.52
C GLU A 191 18.51 10.69 12.73
N LEU A 192 18.26 9.60 12.00
CA LEU A 192 16.91 9.15 11.67
C LEU A 192 16.02 8.92 12.88
N ILE A 193 16.53 8.43 14.00
CA ILE A 193 15.61 8.27 15.12
C ILE A 193 15.37 9.61 15.86
N LYS A 194 16.33 10.54 15.76
CA LYS A 194 16.12 11.86 16.31
C LYS A 194 15.08 12.57 15.48
N ARG A 195 15.23 12.50 14.17
CA ARG A 195 14.27 13.14 13.28
C ARG A 195 12.83 12.73 13.55
N PHE A 196 12.60 11.51 14.02
CA PHE A 196 11.23 11.04 14.30
C PHE A 196 10.90 11.17 15.77
N GLU A 197 11.80 11.82 16.49
CA GLU A 197 11.64 12.09 17.92
C GLU A 197 11.47 10.81 18.74
N ILE A 198 12.12 9.74 18.30
CA ILE A 198 12.23 8.53 19.12
C ILE A 198 13.48 8.75 19.97
N GLU A 199 13.36 8.49 21.26
CA GLU A 199 14.37 8.95 22.20
C GLU A 199 15.15 7.73 22.68
N GLN A 200 15.44 6.80 21.77
CA GLN A 200 15.67 5.44 22.19
C GLN A 200 16.07 4.58 20.99
N PRO A 201 16.90 3.55 21.21
CA PRO A 201 17.37 2.78 20.05
C PRO A 201 16.26 1.97 19.37
N VAL A 202 16.29 1.94 18.04
CA VAL A 202 15.34 1.14 17.27
C VAL A 202 16.13 0.09 16.50
N TYR A 203 15.68 -1.16 16.55
CA TYR A 203 16.36 -2.23 15.77
C TYR A 203 15.45 -2.63 14.61
N PHE A 204 15.96 -2.50 13.38
CA PHE A 204 15.15 -2.72 12.18
C PHE A 204 15.74 -3.75 11.22
N ALA A 205 14.94 -4.73 10.84
CA ALA A 205 15.29 -5.65 9.75
C ALA A 205 14.41 -5.42 8.53
N GLU A 206 15.00 -5.56 7.36
CA GLU A 206 14.22 -5.52 6.15
C GLU A 206 14.63 -6.70 5.28
N LEU A 207 13.70 -7.63 5.09
CA LEU A 207 13.97 -8.87 4.37
C LEU A 207 13.40 -8.83 2.96
N LEU A 208 14.12 -9.39 1.99
CA LEU A 208 13.65 -9.33 0.61
C LEU A 208 12.89 -10.58 0.25
N TRP A 209 11.57 -10.55 0.49
CA TRP A 209 10.72 -11.72 0.21
C TRP A 209 10.97 -12.40 -1.15
N ASP A 210 11.14 -11.62 -2.22
CA ASP A 210 11.36 -12.25 -3.52
C ASP A 210 12.62 -13.14 -3.52
N ALA A 211 13.63 -12.79 -2.72
CA ALA A 211 14.89 -13.53 -2.69
C ALA A 211 14.84 -14.79 -1.82
N LEU A 212 13.90 -14.79 -0.86
CA LEU A 212 13.73 -15.94 0.05
C LEU A 212 13.13 -17.20 -0.56
N ASN B 2 4.13 -7.91 -16.30
CA ASN B 2 5.45 -7.21 -16.04
C ASN B 2 5.30 -5.80 -15.49
N ALA B 3 5.89 -5.58 -14.32
CA ALA B 3 5.65 -4.36 -13.57
C ALA B 3 6.15 -3.11 -14.31
N ASP B 4 7.25 -3.20 -15.04
CA ASP B 4 7.73 -1.99 -15.73
C ASP B 4 6.84 -1.63 -16.92
N ARG B 5 6.41 -2.62 -17.70
N ARG B 5 6.42 -2.65 -17.67
CA ARG B 5 5.59 -2.37 -18.88
CA ARG B 5 5.58 -2.48 -18.86
C ARG B 5 4.21 -1.79 -18.48
C ARG B 5 4.23 -1.83 -18.49
N ARG B 6 3.58 -2.40 -17.49
CA ARG B 6 2.32 -1.89 -16.95
C ARG B 6 2.46 -0.46 -16.39
N TYR B 7 3.60 -0.17 -15.74
CA TYR B 7 3.83 1.15 -15.18
C TYR B 7 3.92 2.21 -16.26
N LYS B 8 4.47 1.87 -17.41
CA LYS B 8 4.55 2.82 -18.52
C LYS B 8 3.13 3.20 -18.99
N TRP B 9 2.25 2.22 -19.12
CA TRP B 9 0.85 2.45 -19.46
C TRP B 9 0.10 3.26 -18.43
N GLN B 10 0.39 2.97 -17.16
CA GLN B 10 -0.15 3.72 -16.04
C GLN B 10 0.15 5.22 -16.15
N THR B 11 1.41 5.57 -16.39
CA THR B 11 1.79 6.96 -16.41
C THR B 11 1.16 7.69 -17.60
N VAL B 12 1.02 7.00 -18.72
CA VAL B 12 0.32 7.52 -19.90
C VAL B 12 -1.17 7.89 -19.58
N VAL B 13 -1.86 7.01 -18.85
CA VAL B 13 -3.19 7.27 -18.38
C VAL B 13 -3.23 8.39 -17.32
N SER B 14 -2.23 8.41 -16.45
CA SER B 14 -2.07 9.48 -15.46
C SER B 14 -1.80 10.82 -16.12
N GLU B 15 -1.03 10.83 -17.20
CA GLU B 15 -0.77 12.08 -17.91
C GLU B 15 -2.05 12.68 -18.45
N GLN B 16 -2.90 11.83 -19.03
CA GLN B 16 -4.19 12.24 -19.53
C GLN B 16 -5.15 12.73 -18.44
N LEU B 17 -5.12 12.13 -17.25
CA LEU B 17 -5.99 12.60 -16.19
C LEU B 17 -5.51 13.96 -15.68
N VAL B 18 -4.20 14.09 -15.46
CA VAL B 18 -3.63 15.35 -15.03
C VAL B 18 -3.96 16.44 -16.05
N GLY B 19 -3.77 16.14 -17.32
CA GLY B 19 -4.21 17.03 -18.38
C GLY B 19 -5.66 17.44 -18.28
N ALA B 20 -6.52 16.52 -17.85
CA ALA B 20 -7.95 16.83 -17.68
C ALA B 20 -8.19 17.55 -16.35
N GLY B 21 -7.14 17.84 -15.61
CA GLY B 21 -7.29 18.60 -14.37
C GLY B 21 -7.18 17.81 -13.07
N PHE B 22 -6.90 16.50 -13.16
CA PHE B 22 -6.84 15.65 -11.95
C PHE B 22 -5.61 15.76 -11.07
N ASN B 23 -5.78 15.43 -9.80
CA ASN B 23 -4.66 15.27 -8.86
C ASN B 23 -4.47 13.80 -8.53
N GLU B 24 -3.22 13.34 -8.38
CA GLU B 24 -2.98 11.95 -7.95
C GLU B 24 -2.90 11.88 -6.45
N ILE B 25 -3.53 10.86 -5.90
CA ILE B 25 -3.51 10.62 -4.48
C ILE B 25 -3.04 9.19 -4.23
N LEU B 26 -2.75 8.88 -2.96
CA LEU B 26 -2.26 7.57 -2.57
C LEU B 26 -2.58 7.30 -1.13
N ASN B 27 -3.40 6.29 -0.91
CA ASN B 27 -3.91 5.98 0.40
C ASN B 27 -3.44 4.62 0.91
N ASN B 28 -3.38 4.51 2.23
CA ASN B 28 -3.02 3.27 2.89
C ASN B 28 -3.91 2.15 2.40
N SER B 29 -3.35 0.95 2.19
CA SER B 29 -4.21 -0.20 1.97
C SER B 29 -4.82 -0.75 3.28
N LEU B 30 -4.32 -0.28 4.43
CA LEU B 30 -4.99 -0.51 5.73
C LEU B 30 -6.24 0.35 5.81
N THR B 31 -7.33 -0.24 6.31
CA THR B 31 -8.60 0.47 6.41
C THR B 31 -9.44 0.00 7.59
N ALA B 32 -10.59 0.65 7.75
CA ALA B 32 -11.51 0.37 8.85
C ALA B 32 -12.51 -0.71 8.44
N GLY B 33 -12.57 -1.77 9.26
CA GLY B 33 -13.51 -2.87 9.02
C GLY B 33 -14.96 -2.39 9.02
N SER B 34 -15.25 -1.34 9.80
CA SER B 34 -16.63 -0.89 9.93
C SER B 34 -17.15 -0.37 8.59
N TYR B 35 -16.27 0.19 7.77
CA TYR B 35 -16.68 0.69 6.45
C TYR B 35 -17.45 -0.35 5.66
N TYR B 36 -17.04 -1.60 5.82
CA TYR B 36 -17.58 -2.72 5.05
C TYR B 36 -18.73 -3.47 5.74
N GLU B 37 -19.13 -3.09 6.97
CA GLU B 37 -20.24 -3.82 7.64
C GLU B 37 -21.48 -3.76 6.76
N GLY B 38 -22.02 -4.92 6.42
CA GLY B 38 -23.32 -4.94 5.76
C GLY B 38 -23.30 -4.77 4.27
N LEU B 39 -22.15 -4.46 3.67
CA LEU B 39 -22.06 -4.42 2.22
C LEU B 39 -22.22 -5.80 1.59
N LYS B 40 -22.88 -5.86 0.44
CA LYS B 40 -22.88 -7.06 -0.40
C LYS B 40 -21.83 -7.02 -1.50
N SER B 41 -21.47 -5.82 -1.95
CA SER B 41 -20.48 -5.68 -3.01
C SER B 41 -19.11 -6.14 -2.52
N HIS B 42 -18.77 -5.75 -1.28
CA HIS B 42 -17.49 -6.10 -0.62
C HIS B 42 -17.75 -6.48 0.82
N PRO B 43 -18.09 -7.75 1.07
CA PRO B 43 -18.55 -8.10 2.41
C PRO B 43 -17.47 -8.06 3.46
N ARG B 44 -17.82 -7.53 4.61
CA ARG B 44 -16.95 -7.56 5.79
C ARG B 44 -16.21 -8.90 6.01
N GLU B 45 -16.90 -10.02 5.77
CA GLU B 45 -16.38 -11.39 5.99
C GLU B 45 -15.32 -11.82 4.97
N ALA B 47 -12.90 -9.70 4.10
CA ALA B 47 -11.76 -8.82 4.38
C ALA B 47 -10.55 -9.60 4.83
N VAL B 48 -9.37 -9.26 4.33
CA VAL B 48 -8.11 -9.81 4.86
C VAL B 48 -7.74 -8.96 6.08
N GLU B 49 -7.71 -9.59 7.25
CA GLU B 49 -7.43 -8.89 8.50
C GLU B 49 -5.96 -9.02 8.89
N LEU B 50 -5.44 -7.99 9.56
CA LEU B 50 -4.09 -8.04 10.10
C LEU B 50 -4.00 -9.05 11.24
N ASN B 52 -2.90 -9.76 14.90
CA ASN B 52 -2.53 -9.06 16.11
C ASN B 52 -2.25 -7.56 15.87
N PRO B 53 -3.23 -6.85 15.29
CA PRO B 53 -3.02 -5.44 14.96
C PRO B 53 -2.95 -4.59 16.24
N LEU B 54 -2.48 -3.37 16.12
CA LEU B 54 -2.43 -2.44 17.22
C LEU B 54 -3.80 -1.86 17.53
N SER B 55 -4.63 -1.79 16.50
CA SER B 55 -5.97 -1.24 16.62
C SER B 55 -6.97 -2.31 16.19
N GLN B 56 -8.06 -2.45 16.94
CA GLN B 56 -9.13 -3.38 16.58
C GLN B 56 -10.00 -2.76 15.47
N GLU B 57 -10.08 -1.43 15.43
CA GLU B 57 -10.81 -0.74 14.37
C GLU B 57 -10.08 -0.74 13.02
N LEU B 58 -8.79 -0.39 13.03
CA LEU B 58 -7.97 -0.29 11.82
C LEU B 58 -7.22 -1.58 11.52
N ASN B 59 -7.94 -2.61 11.07
CA ASN B 59 -7.33 -3.93 10.97
C ASN B 59 -7.66 -4.76 9.71
N CYS B 60 -8.22 -4.13 8.68
CA CYS B 60 -8.55 -4.83 7.47
C CYS B 60 -7.76 -4.24 6.32
N ARG B 62 -8.11 -3.16 2.37
CA ARG B 62 -9.19 -2.63 1.55
C ARG B 62 -9.59 -3.62 0.44
N GLN B 63 -10.89 -3.60 0.12
CA GLN B 63 -11.46 -4.38 -0.96
C GLN B 63 -11.83 -3.50 -2.12
N THR B 64 -11.91 -2.19 -1.85
CA THR B 64 -12.16 -1.20 -2.86
C THR B 64 -11.32 0.02 -2.52
N LEU B 65 -11.01 0.80 -3.55
CA LEU B 65 -10.33 2.06 -3.34
C LEU B 65 -11.27 3.15 -2.81
N LEU B 66 -12.57 2.90 -2.84
CA LEU B 66 -13.53 3.98 -2.57
C LEU B 66 -13.24 4.77 -1.29
N PHE B 67 -13.21 4.10 -0.15
CA PHE B 67 -13.18 4.80 1.15
C PHE B 67 -11.97 5.69 1.46
N GLY B 68 -10.78 5.21 1.05
CA GLY B 68 -9.60 6.08 1.10
C GLY B 68 -9.87 7.40 0.39
N GLY B 69 -10.51 7.33 -0.79
CA GLY B 69 -10.96 8.50 -1.51
C GLY B 69 -11.97 9.35 -0.76
N LEU B 70 -12.96 8.71 -0.11
CA LEU B 70 -13.94 9.48 0.68
C LEU B 70 -13.29 10.25 1.82
N GLU B 71 -12.31 9.61 2.47
CA GLU B 71 -11.52 10.25 3.53
C GLU B 71 -10.75 11.43 3.01
N THR B 72 -10.13 11.27 1.85
CA THR B 72 -9.34 12.34 1.25
C THR B 72 -10.25 13.50 0.81
N LEU B 73 -11.42 13.14 0.31
CA LEU B 73 -12.41 14.12 -0.06
C LEU B 73 -12.92 14.83 1.20
N SER B 74 -13.38 14.07 2.19
CA SER B 74 -13.85 14.68 3.44
C SER B 74 -12.85 15.73 3.94
N HIS B 75 -11.62 15.27 4.09
CA HIS B 75 -10.49 16.06 4.54
C HIS B 75 -10.31 17.34 3.73
N ASN B 76 -10.34 17.23 2.41
CA ASN B 76 -10.05 18.38 1.55
C ASN B 76 -11.23 19.34 1.36
N LEU B 77 -12.45 18.79 1.43
CA LEU B 77 -13.69 19.57 1.52
C LEU B 77 -13.76 20.43 2.81
N ARG B 78 -13.33 19.87 3.94
CA ARG B 78 -13.15 20.66 5.20
C ARG B 78 -12.18 21.82 5.04
N ARG B 79 -11.18 21.65 4.18
CA ARG B 79 -10.17 22.68 3.97
C ARG B 79 -10.56 23.60 2.84
N LYS B 80 -11.84 23.54 2.45
CA LYS B 80 -12.40 24.44 1.44
C LYS B 80 -11.99 24.27 -0.02
N HIS B 81 -11.49 23.10 -0.41
CA HIS B 81 -11.27 22.83 -1.83
C HIS B 81 -12.62 22.86 -2.50
N LEU B 82 -12.78 23.67 -3.54
CA LEU B 82 -14.11 23.81 -4.14
C LEU B 82 -14.41 22.72 -5.14
N SER B 83 -13.33 22.17 -5.70
CA SER B 83 -13.43 21.32 -6.86
C SER B 83 -12.40 20.15 -6.80
N LEU B 84 -12.86 18.92 -6.55
CA LEU B 84 -11.90 17.81 -6.42
C LEU B 84 -11.99 16.76 -7.53
N TYR B 85 -10.95 16.71 -8.34
CA TYR B 85 -10.79 15.66 -9.35
C TYR B 85 -9.56 14.83 -8.97
N LEU B 86 -9.81 13.63 -8.46
CA LEU B 86 -8.74 12.76 -7.92
C LEU B 86 -8.65 11.38 -8.59
N PHE B 87 -7.46 10.81 -8.58
CA PHE B 87 -7.27 9.43 -9.00
C PHE B 87 -6.13 8.74 -8.21
N GLU B 88 -6.23 7.42 -8.14
CA GLU B 88 -5.33 6.63 -7.35
C GLU B 88 -5.17 5.28 -8.03
N TRP B 89 -3.93 4.82 -8.10
CA TRP B 89 -3.62 3.49 -8.57
C TRP B 89 -3.28 2.70 -7.32
N GLY B 90 -3.87 1.52 -7.19
CA GLY B 90 -3.56 0.76 -6.00
C GLY B 90 -4.16 -0.61 -6.06
N LYS B 91 -3.63 -1.47 -5.22
CA LYS B 91 -4.03 -2.83 -5.22
C LYS B 91 -5.16 -3.01 -4.18
N CYS B 92 -6.05 -3.97 -4.42
CA CYS B 92 -7.12 -4.34 -3.47
C CYS B 92 -7.12 -5.84 -3.20
N TYR B 93 -7.73 -6.25 -2.08
CA TYR B 93 -7.48 -7.56 -1.52
C TYR B 93 -8.74 -8.14 -0.93
N ARG B 94 -8.91 -9.45 -1.11
CA ARG B 94 -10.05 -10.11 -0.59
C ARG B 94 -9.74 -11.58 -0.38
N PHE B 95 -10.54 -12.22 0.45
CA PHE B 95 -10.68 -13.66 0.41
C PHE B 95 -11.86 -14.05 -0.48
N HIS B 96 -11.71 -15.18 -1.18
CA HIS B 96 -12.85 -15.90 -1.77
C HIS B 96 -13.30 -17.00 -0.85
N ALA B 97 -14.61 -17.08 -0.66
CA ALA B 97 -15.27 -18.14 0.11
C ALA B 97 -14.97 -19.52 -0.49
N ALA B 98 -14.77 -20.50 0.40
CA ALA B 98 -14.59 -21.88 -0.02
C ALA B 98 -15.96 -22.41 -0.48
N LYS B 99 -15.96 -23.08 -1.64
CA LYS B 99 -17.15 -23.72 -2.20
C LYS B 99 -17.59 -24.93 -1.38
N ARG B 100 -16.62 -25.71 -0.92
CA ARG B 100 -16.90 -26.92 -0.15
C ARG B 100 -16.57 -26.71 1.32
N THR B 101 -17.15 -27.55 2.19
CA THR B 101 -17.04 -27.41 3.64
C THR B 101 -15.98 -28.35 4.25
N ASP B 102 -14.99 -28.68 3.42
CA ASP B 102 -13.98 -29.73 3.69
C ASP B 102 -12.73 -29.23 4.37
N GLU B 103 -12.45 -27.93 4.23
CA GLU B 103 -11.32 -27.31 4.91
C GLU B 103 -11.78 -26.10 5.73
N THR B 104 -11.44 -24.90 5.26
CA THR B 104 -11.71 -23.62 5.95
C THR B 104 -12.88 -22.90 5.26
N PRO B 105 -13.58 -21.98 5.97
CA PRO B 105 -14.58 -21.10 5.34
C PRO B 105 -14.04 -20.25 4.19
N LEU B 106 -12.77 -19.83 4.30
CA LEU B 106 -12.12 -19.00 3.27
C LEU B 106 -11.13 -19.82 2.45
N ALA B 107 -11.26 -19.74 1.13
CA ALA B 107 -10.35 -20.42 0.23
C ALA B 107 -9.33 -19.38 -0.18
N ALA B 108 -9.09 -19.21 -1.47
CA ALA B 108 -8.02 -18.38 -1.95
C ALA B 108 -7.99 -16.93 -1.37
N TYR B 109 -6.78 -16.42 -1.15
CA TYR B 109 -6.54 -15.00 -0.98
C TYR B 109 -6.31 -14.41 -2.37
N ALA B 110 -6.81 -13.20 -2.62
CA ALA B 110 -6.71 -12.63 -3.94
C ALA B 110 -6.43 -11.14 -3.94
N GLU B 111 -5.63 -10.70 -4.89
CA GLU B 111 -5.37 -9.28 -4.99
C GLU B 111 -5.50 -8.84 -6.44
N ASP B 112 -5.85 -7.59 -6.66
CA ASP B 112 -6.00 -7.12 -8.04
C ASP B 112 -5.75 -5.63 -8.13
N ASP B 113 -5.23 -5.19 -9.27
CA ASP B 113 -4.91 -3.81 -9.49
C ASP B 113 -6.08 -2.95 -9.96
N ARG B 114 -6.22 -1.78 -9.33
CA ARG B 114 -7.32 -0.92 -9.65
C ARG B 114 -6.92 0.53 -9.93
N LEU B 115 -7.73 1.19 -10.75
CA LEU B 115 -7.66 2.65 -10.92
C LEU B 115 -8.94 3.23 -10.31
N GLY B 116 -8.78 4.15 -9.35
CA GLY B 116 -9.93 4.82 -8.73
C GLY B 116 -9.99 6.26 -9.19
N ILE B 117 -11.20 6.78 -9.43
CA ILE B 117 -11.37 8.11 -9.97
C ILE B 117 -12.55 8.78 -9.27
N TRP B 118 -12.31 9.98 -8.75
CA TRP B 118 -13.30 10.73 -7.98
C TRP B 118 -13.44 12.15 -8.53
N ILE B 119 -14.69 12.58 -8.69
CA ILE B 119 -15.03 13.93 -9.09
C ILE B 119 -16.05 14.39 -8.08
N CYS B 120 -15.88 15.59 -7.55
CA CYS B 120 -16.77 16.07 -6.50
C CYS B 120 -16.71 17.57 -6.49
N GLY B 121 -17.88 18.18 -6.29
CA GLY B 121 -17.95 19.62 -6.13
C GLY B 121 -18.20 20.38 -7.41
N GLN B 122 -17.41 21.43 -7.62
CA GLN B 122 -17.64 22.37 -8.70
C GLN B 122 -16.86 21.95 -9.89
N ARG B 123 -17.46 22.17 -11.05
CA ARG B 123 -16.83 21.80 -12.29
C ARG B 123 -15.67 22.72 -12.61
N VAL B 124 -14.55 22.14 -13.01
CA VAL B 124 -13.48 22.93 -13.59
C VAL B 124 -13.81 23.10 -15.07
N HIS B 125 -13.70 24.33 -15.58
CA HIS B 125 -13.85 24.60 -17.03
C HIS B 125 -12.49 24.98 -17.65
N PRO B 131 -20.61 28.89 -14.04
CA PRO B 131 -19.92 29.67 -13.00
C PRO B 131 -20.22 29.10 -11.60
N GLU B 132 -21.50 28.85 -11.35
CA GLU B 132 -22.04 28.17 -10.17
C GLU B 132 -22.11 26.65 -10.42
N GLU B 133 -21.65 26.25 -11.61
CA GLU B 133 -21.83 24.91 -12.17
C GLU B 133 -21.30 23.69 -11.37
N PRO B 134 -22.19 22.88 -10.80
CA PRO B 134 -21.75 21.66 -10.12
C PRO B 134 -21.29 20.55 -11.08
N THR B 135 -20.51 19.61 -10.56
CA THR B 135 -20.08 18.45 -11.32
C THR B 135 -21.25 17.48 -11.53
N SER B 136 -21.07 16.54 -12.46
CA SER B 136 -22.03 15.47 -12.66
C SER B 136 -21.34 14.18 -13.06
N VAL B 137 -22.10 13.09 -12.95
CA VAL B 137 -21.68 11.77 -13.34
C VAL B 137 -21.33 11.71 -14.83
N PHE B 138 -21.88 12.62 -15.62
CA PHE B 138 -21.57 12.65 -17.07
C PHE B 138 -20.12 13.03 -17.33
N GLU B 139 -19.57 13.91 -16.49
CA GLU B 139 -18.15 14.21 -16.58
C GLU B 139 -17.29 12.98 -16.28
N LEU B 140 -17.69 12.19 -15.29
CA LEU B 140 -17.01 10.96 -14.93
C LEU B 140 -17.09 9.92 -16.08
N LYS B 141 -18.28 9.74 -16.67
CA LYS B 141 -18.41 8.86 -17.82
C LYS B 141 -17.43 9.25 -18.91
N ALA B 142 -17.35 10.53 -19.18
CA ALA B 142 -16.48 11.06 -20.22
C ALA B 142 -14.99 10.77 -19.96
N VAL B 143 -14.52 10.94 -18.70
CA VAL B 143 -13.12 10.57 -18.40
C VAL B 143 -12.94 9.04 -18.40
N VAL B 144 -13.91 8.30 -17.89
CA VAL B 144 -13.79 6.86 -17.95
C VAL B 144 -13.60 6.39 -19.39
N GLU B 145 -14.48 6.83 -20.28
CA GLU B 145 -14.44 6.51 -21.70
C GLU B 145 -13.08 6.87 -22.31
N GLN B 146 -12.54 8.01 -21.91
CA GLN B 146 -11.26 8.45 -22.43
C GLN B 146 -10.04 7.66 -21.91
N VAL B 147 -10.16 7.09 -20.72
CA VAL B 147 -9.11 6.22 -20.19
C VAL B 147 -9.16 4.94 -21.02
N LEU B 148 -10.37 4.43 -21.26
CA LEU B 148 -10.50 3.19 -22.05
C LEU B 148 -9.93 3.45 -23.42
N CYS B 149 -10.21 4.62 -23.94
CA CYS B 149 -9.73 5.00 -25.24
C CYS B 149 -8.21 5.06 -25.32
N ARG B 150 -7.58 5.67 -24.31
CA ARG B 150 -6.11 5.79 -24.26
C ARG B 150 -5.35 4.45 -24.28
N VAL B 151 -6.03 3.36 -23.91
CA VAL B 151 -5.43 2.02 -23.99
C VAL B 151 -6.00 1.20 -25.16
N GLY B 152 -6.51 1.89 -26.18
CA GLY B 152 -7.06 1.24 -27.37
C GLY B 152 -8.36 0.47 -27.20
N ILE B 153 -9.22 0.91 -26.28
CA ILE B 153 -10.56 0.31 -26.18
C ILE B 153 -11.59 1.30 -26.69
N GLU B 154 -12.20 0.98 -27.82
CA GLU B 154 -13.18 1.88 -28.46
C GLU B 154 -14.58 1.71 -27.90
N THR B 155 -15.39 2.76 -28.03
CA THR B 155 -16.76 2.78 -27.50
C THR B 155 -17.62 1.62 -28.02
N GLY B 156 -17.29 1.11 -29.21
CA GLY B 156 -18.02 -0.01 -29.79
C GLY B 156 -17.68 -1.32 -29.15
N ALA B 157 -16.58 -1.36 -28.41
CA ALA B 157 -16.10 -2.62 -27.82
C ALA B 157 -16.81 -3.04 -26.52
N TYR B 158 -17.60 -2.13 -25.94
CA TYR B 158 -18.25 -2.38 -24.64
C TYR B 158 -19.57 -1.66 -24.53
N THR B 159 -20.38 -2.12 -23.58
CA THR B 159 -21.60 -1.43 -23.26
C THR B 159 -21.67 -1.09 -21.77
N LEU B 160 -22.54 -0.13 -21.43
CA LEU B 160 -22.83 0.23 -20.04
C LEU B 160 -24.11 -0.45 -19.58
N LYS B 161 -24.06 -1.18 -18.48
CA LYS B 161 -25.27 -1.78 -17.96
C LYS B 161 -25.51 -1.35 -16.54
N THR B 162 -26.77 -1.21 -16.17
CA THR B 162 -27.16 -0.89 -14.81
C THR B 162 -26.61 -1.95 -13.83
N ALA B 163 -26.04 -1.48 -12.73
CA ALA B 163 -25.41 -2.34 -11.74
C ALA B 163 -26.21 -2.42 -10.49
N ASP B 164 -26.00 -3.48 -9.74
CA ASP B 164 -26.55 -3.58 -8.41
C ASP B 164 -25.33 -3.64 -7.46
N ASN B 165 -24.77 -2.47 -7.18
CA ASN B 165 -23.60 -2.37 -6.36
C ASN B 165 -23.93 -1.45 -5.21
N ASP B 166 -23.88 -1.97 -3.99
CA ASP B 166 -24.34 -1.17 -2.85
C ASP B 166 -23.34 -0.10 -2.35
N LEU B 167 -22.17 0.02 -2.99
CA LEU B 167 -21.32 1.21 -2.81
C LEU B 167 -21.96 2.46 -3.39
N TYR B 168 -22.90 2.25 -4.31
CA TYR B 168 -23.47 3.34 -5.10
C TYR B 168 -24.98 3.54 -4.90
N ALA B 169 -25.44 4.76 -5.01
CA ALA B 169 -26.88 5.03 -5.15
C ALA B 169 -27.33 4.55 -6.53
N SER B 170 -26.51 4.75 -7.55
CA SER B 170 -26.81 4.25 -8.90
C SER B 170 -25.49 4.16 -9.63
N ALA B 171 -25.35 3.15 -10.47
CA ALA B 171 -24.09 2.87 -11.12
C ALA B 171 -24.21 2.07 -12.40
N GLU B 173 -22.12 -0.61 -14.81
CA GLU B 173 -20.97 -1.46 -15.11
C GLU B 173 -20.53 -1.31 -16.55
N VAL B 174 -19.21 -1.24 -16.75
CA VAL B 174 -18.65 -1.24 -18.10
C VAL B 174 -18.24 -2.67 -18.40
N LYS B 175 -18.85 -3.25 -19.43
CA LYS B 175 -18.65 -4.66 -19.75
C LYS B 175 -18.43 -4.76 -21.26
N THR B 176 -17.34 -5.45 -21.66
CA THR B 176 -17.00 -5.64 -23.09
C THR B 176 -17.98 -6.51 -23.84
N ARG B 177 -17.95 -6.36 -25.17
CA ARG B 177 -18.62 -7.27 -26.08
C ARG B 177 -18.38 -8.74 -25.76
N SER B 178 -17.17 -9.08 -25.30
CA SER B 178 -16.82 -10.45 -24.90
C SER B 178 -17.27 -10.82 -23.47
N GLY B 179 -17.66 -9.82 -22.68
CA GLY B 179 -18.18 -10.08 -21.33
C GLY B 179 -17.15 -9.87 -20.22
N LYS B 180 -16.01 -9.28 -20.56
CA LYS B 180 -15.04 -8.84 -19.55
C LYS B 180 -15.53 -7.57 -18.82
N LEU B 181 -15.88 -7.70 -17.53
CA LEU B 181 -16.09 -6.54 -16.68
C LEU B 181 -14.83 -5.66 -16.66
N LEU B 182 -14.97 -4.41 -17.10
CA LEU B 182 -13.85 -3.44 -17.09
C LEU B 182 -13.86 -2.51 -15.87
N GLY B 183 -15.01 -2.39 -15.20
CA GLY B 183 -15.14 -1.50 -14.07
C GLY B 183 -16.54 -0.97 -13.86
N THR B 184 -16.65 -0.02 -12.95
CA THR B 184 -17.92 0.50 -12.50
C THR B 184 -17.78 2.00 -12.26
N PHE B 185 -18.86 2.75 -12.49
CA PHE B 185 -18.85 4.18 -12.20
C PHE B 185 -20.27 4.60 -11.89
N GLY B 186 -20.41 5.62 -11.04
CA GLY B 186 -21.72 6.08 -10.61
C GLY B 186 -21.64 7.06 -9.48
N THR B 187 -22.76 7.20 -8.76
CA THR B 187 -22.93 8.19 -7.70
C THR B 187 -22.88 7.38 -6.44
N VAL B 188 -21.97 7.77 -5.56
CA VAL B 188 -21.73 7.05 -4.29
C VAL B 188 -22.99 7.12 -3.45
N SER B 189 -23.31 6.01 -2.77
CA SER B 189 -24.55 5.93 -2.00
C SER B 189 -24.67 7.04 -0.97
N THR B 190 -25.92 7.46 -0.75
CA THR B 190 -26.29 8.53 0.18
C THR B 190 -25.77 8.24 1.58
N GLU B 191 -25.96 7.02 2.04
CA GLU B 191 -25.54 6.67 3.38
C GLU B 191 -24.01 6.79 3.55
N LEU B 192 -23.26 6.38 2.52
CA LEU B 192 -21.80 6.36 2.61
C LEU B 192 -21.21 7.76 2.64
N ILE B 193 -21.76 8.66 1.83
CA ILE B 193 -21.27 10.04 1.83
C ILE B 193 -21.64 10.76 3.14
N LYS B 194 -22.81 10.45 3.71
CA LYS B 194 -23.16 11.06 4.99
C LYS B 194 -22.19 10.55 6.05
N ARG B 195 -21.91 9.24 6.02
CA ARG B 195 -20.95 8.66 6.98
C ARG B 195 -19.63 9.40 7.04
N PHE B 196 -19.10 9.82 5.88
CA PHE B 196 -17.84 10.56 5.80
C PHE B 196 -18.05 12.06 5.84
N GLU B 197 -19.26 12.48 6.23
CA GLU B 197 -19.62 13.91 6.35
C GLU B 197 -19.37 14.70 5.07
N ILE B 198 -19.57 14.07 3.93
CA ILE B 198 -19.51 14.79 2.67
C ILE B 198 -20.93 15.28 2.38
N GLU B 199 -21.08 16.60 2.24
CA GLU B 199 -22.42 17.24 2.10
C GLU B 199 -22.85 17.43 0.66
N GLN B 200 -22.43 16.54 -0.22
CA GLN B 200 -22.38 16.83 -1.61
C GLN B 200 -22.19 15.52 -2.36
N PRO B 201 -22.68 15.43 -3.62
CA PRO B 201 -22.51 14.15 -4.27
C PRO B 201 -21.05 13.84 -4.64
N VAL B 202 -20.76 12.55 -4.67
CA VAL B 202 -19.46 12.08 -5.08
C VAL B 202 -19.63 11.11 -6.23
N TYR B 203 -18.93 11.37 -7.34
CA TYR B 203 -18.96 10.46 -8.47
C TYR B 203 -17.63 9.67 -8.46
N PHE B 204 -17.76 8.34 -8.44
CA PHE B 204 -16.58 7.46 -8.32
C PHE B 204 -16.61 6.38 -9.41
N ALA B 205 -15.47 6.19 -10.06
CA ALA B 205 -15.25 5.04 -10.92
C ALA B 205 -14.10 4.22 -10.37
N GLU B 206 -14.17 2.91 -10.62
CA GLU B 206 -13.13 1.99 -10.24
C GLU B 206 -12.93 1.04 -11.40
N LEU B 207 -11.76 1.11 -12.02
CA LEU B 207 -11.47 0.36 -13.21
C LEU B 207 -10.52 -0.77 -12.91
N LEU B 208 -10.73 -1.90 -13.57
CA LEU B 208 -9.93 -3.09 -13.28
C LEU B 208 -8.77 -3.15 -14.24
N TRP B 209 -7.59 -2.80 -13.73
CA TRP B 209 -6.42 -2.57 -14.57
C TRP B 209 -6.01 -3.83 -15.31
N ASP B 210 -6.17 -4.97 -14.67
CA ASP B 210 -5.83 -6.25 -15.29
C ASP B 210 -6.65 -6.45 -16.54
N ALA B 211 -7.95 -6.19 -16.43
CA ALA B 211 -8.85 -6.25 -17.58
C ALA B 211 -8.55 -5.26 -18.70
N LEU B 212 -7.95 -4.11 -18.39
CA LEU B 212 -7.60 -3.10 -19.40
C LEU B 212 -6.24 -3.38 -20.04
#